data_5MVX
#
_entry.id   5MVX
#
_cell.length_a   127.896
_cell.length_b   49.753
_cell.length_c   70.031
_cell.angle_alpha   90.00
_cell.angle_beta   109.15
_cell.angle_gamma   90.00
#
_symmetry.space_group_name_H-M   'C 1 2 1'
#
loop_
_entity.id
_entity.type
_entity.pdbx_description
1 polymer 'Delta-like protein 4'
2 non-polymer alpha-L-fucopyranose
3 water water
#
_entity_poly.entity_id   1
_entity_poly.type   'polypeptide(L)'
_entity_poly.pdbx_seq_one_letter_code
;SGVFQLQLQEFINERGVLASGRPCEPGCRTFFRVCLKHFQAVVSPGPCTFGTVSTPVLGTNSFAVRDDSSGGGRNPLQLP
FNFTWPGTFSLIIEAWHAPGDDLRPEALPPDALISKIAIQGSLAVGQNWLLDEQTSTLTRLRYSYRVICSDNYYGDNCSR
LCKKRNDHFGHYVCQPDGNLSCLPGWTGEYCQQPICLSGCHEQNGYCSKPAECLCRPGWQGRLCNECIPHNGCRHGTCST
PWQCTCDEGWGGLFCDQDLNYCTHHSPCKNGATCSNSGQRSYTCTCRPGYTGVDCELELGSHHHHHHHH
;
_entity_poly.pdbx_strand_id   A
#
loop_
_chem_comp.id
_chem_comp.type
_chem_comp.name
_chem_comp.formula
FUC L-saccharide, alpha linking alpha-L-fucopyranose 'C6 H12 O5'
#
# COMPACT_ATOMS: atom_id res chain seq x y z
N SER A 1 1.52 -5.04 24.08
CA SER A 1 1.15 -6.27 23.38
C SER A 1 2.25 -6.65 22.39
N GLY A 2 2.19 -7.86 21.85
CA GLY A 2 3.17 -8.29 20.88
C GLY A 2 3.12 -9.79 20.69
N VAL A 3 4.18 -10.31 20.04
CA VAL A 3 4.27 -11.74 19.74
C VAL A 3 5.67 -12.23 20.05
N PHE A 4 5.77 -13.20 20.96
CA PHE A 4 7.02 -13.89 21.21
C PHE A 4 7.19 -14.98 20.16
N GLN A 5 8.31 -14.96 19.44
CA GLN A 5 8.58 -15.94 18.40
C GLN A 5 9.76 -16.82 18.83
N LEU A 6 9.68 -18.10 18.49
CA LEU A 6 10.71 -19.08 18.85
C LEU A 6 10.98 -19.96 17.65
N GLN A 7 12.24 -20.03 17.23
CA GLN A 7 12.69 -20.99 16.24
C GLN A 7 13.37 -22.16 16.94
N LEU A 8 13.06 -23.37 16.51
CA LEU A 8 13.79 -24.57 16.93
C LEU A 8 14.65 -25.00 15.76
N GLN A 9 15.96 -25.03 15.95
CA GLN A 9 16.87 -25.25 14.84
C GLN A 9 17.42 -26.67 14.77
N GLU A 10 17.85 -27.24 15.91
CA GLU A 10 18.52 -28.54 15.92
C GLU A 10 18.33 -29.20 17.28
N PHE A 11 18.10 -30.51 17.28
CA PHE A 11 18.00 -31.29 18.51
C PHE A 11 18.89 -32.52 18.38
N ILE A 12 19.76 -32.73 19.37
CA ILE A 12 20.71 -33.83 19.39
C ILE A 12 20.29 -34.82 20.46
N ASN A 13 20.13 -36.09 20.08
CA ASN A 13 19.77 -37.18 21.00
C ASN A 13 20.39 -38.43 20.39
N GLU A 14 21.71 -38.58 20.54
CA GLU A 14 22.44 -39.60 19.78
C GLU A 14 22.14 -41.02 20.27
N ARG A 15 21.86 -41.22 21.57
CA ARG A 15 21.44 -42.53 22.05
C ARG A 15 19.97 -42.83 21.82
N GLY A 16 19.17 -41.85 21.39
CA GLY A 16 17.75 -42.07 21.22
C GLY A 16 17.06 -42.55 22.49
N VAL A 17 17.29 -41.84 23.60
CA VAL A 17 16.79 -42.25 24.91
C VAL A 17 15.83 -41.22 25.46
N LEU A 18 14.96 -41.68 26.36
CA LEU A 18 14.07 -40.84 27.13
C LEU A 18 14.80 -40.27 28.35
N ALA A 19 14.16 -39.31 29.02
CA ALA A 19 14.75 -38.75 30.23
C ALA A 19 14.98 -39.82 31.28
N SER A 20 14.17 -40.89 31.26
CA SER A 20 14.37 -42.02 32.16
C SER A 20 15.65 -42.80 31.84
N GLY A 21 16.22 -42.61 30.67
CA GLY A 21 17.35 -43.40 30.23
C GLY A 21 16.98 -44.61 29.40
N ARG A 22 15.71 -44.90 29.25
CA ARG A 22 15.27 -46.03 28.44
C ARG A 22 15.21 -45.62 26.96
N PRO A 23 15.52 -46.55 26.04
CA PRO A 23 15.49 -46.20 24.61
C PRO A 23 14.07 -46.02 24.09
N CYS A 24 13.89 -45.00 23.25
CA CYS A 24 12.65 -44.87 22.52
C CYS A 24 12.51 -46.02 21.52
N GLU A 25 11.30 -46.53 21.38
CA GLU A 25 11.01 -47.58 20.40
C GLU A 25 10.13 -47.04 19.30
N PRO A 26 10.58 -47.12 18.02
CA PRO A 26 11.86 -47.59 17.49
C PRO A 26 12.91 -46.48 17.48
N GLY A 27 12.45 -45.26 17.76
CA GLY A 27 13.30 -44.09 17.90
C GLY A 27 12.48 -42.96 18.48
N CYS A 28 13.16 -41.92 18.94
CA CYS A 28 12.47 -40.82 19.61
C CYS A 28 11.81 -39.92 18.56
N ARG A 29 10.49 -40.10 18.37
CA ARG A 29 9.69 -39.25 17.48
C ARG A 29 9.37 -37.97 18.23
N THR A 30 10.15 -36.92 17.98
CA THR A 30 10.32 -35.81 18.90
C THR A 30 9.43 -34.64 18.49
N PHE A 31 8.55 -34.23 19.40
CA PHE A 31 7.83 -32.96 19.30
C PHE A 31 8.06 -32.17 20.59
N PHE A 32 7.70 -30.89 20.55
CA PHE A 32 8.05 -29.96 21.61
C PHE A 32 6.79 -29.28 22.17
N ARG A 33 6.75 -29.14 23.50
CA ARG A 33 5.77 -28.30 24.19
C ARG A 33 6.51 -27.11 24.79
N VAL A 34 5.97 -25.91 24.57
CA VAL A 34 6.61 -24.66 24.96
C VAL A 34 5.71 -23.91 25.92
N CYS A 35 6.27 -23.53 27.07
CA CYS A 35 5.58 -22.74 28.08
C CYS A 35 6.36 -21.45 28.31
N LEU A 36 5.69 -20.31 28.14
CA LEU A 36 6.30 -19.00 28.35
C LEU A 36 5.59 -18.30 29.49
N LYS A 37 6.37 -17.78 30.46
CA LYS A 37 5.77 -17.16 31.63
C LYS A 37 6.61 -15.97 32.07
N HIS A 38 6.04 -15.19 32.99
CA HIS A 38 6.75 -14.08 33.60
C HIS A 38 7.96 -14.59 34.37
N PHE A 39 8.99 -13.74 34.46
CA PHE A 39 10.22 -14.15 35.10
C PHE A 39 10.01 -14.44 36.58
N GLN A 40 10.61 -15.53 37.05
CA GLN A 40 10.70 -15.78 38.48
C GLN A 40 12.10 -16.27 38.84
N ALA A 41 12.56 -15.85 40.01
CA ALA A 41 13.94 -16.12 40.43
C ALA A 41 14.25 -17.61 40.41
N VAL A 42 13.37 -18.43 40.98
CA VAL A 42 13.57 -19.87 41.07
C VAL A 42 12.50 -20.58 40.25
N VAL A 43 12.94 -21.51 39.41
CA VAL A 43 12.09 -22.39 38.62
C VAL A 43 11.12 -23.11 39.53
N SER A 44 9.83 -22.82 39.38
CA SER A 44 8.77 -23.38 40.21
C SER A 44 7.53 -23.59 39.35
N PRO A 45 6.72 -24.59 39.67
CA PRO A 45 5.51 -24.81 38.87
C PRO A 45 4.58 -23.63 38.97
N GLY A 46 3.61 -23.59 38.05
CA GLY A 46 2.71 -22.47 37.96
C GLY A 46 2.27 -22.28 36.52
N PRO A 47 1.22 -21.50 36.31
CA PRO A 47 0.62 -21.40 34.98
C PRO A 47 1.53 -20.70 33.99
N CYS A 48 1.27 -20.96 32.70
CA CYS A 48 2.02 -20.34 31.62
C CYS A 48 1.34 -19.02 31.28
N THR A 49 1.82 -17.94 31.90
CA THR A 49 1.11 -16.67 31.84
C THR A 49 1.14 -16.03 30.45
N PHE A 50 2.07 -16.41 29.58
CA PHE A 50 2.03 -16.00 28.18
C PHE A 50 1.45 -17.06 27.26
N GLY A 51 1.11 -18.22 27.80
CA GLY A 51 0.52 -19.28 26.99
C GLY A 51 1.49 -20.43 26.75
N THR A 52 0.93 -21.46 26.13
CA THR A 52 1.64 -22.64 25.68
C THR A 52 1.40 -22.82 24.18
N VAL A 53 2.38 -23.41 23.51
CA VAL A 53 2.23 -23.86 22.13
C VAL A 53 2.98 -25.18 22.00
N SER A 54 2.57 -26.00 21.04
CA SER A 54 3.16 -27.31 20.81
C SER A 54 3.46 -27.49 19.33
N THR A 55 4.39 -28.40 19.03
CA THR A 55 4.71 -28.71 17.65
C THR A 55 4.20 -30.08 17.26
N PRO A 56 4.09 -30.37 15.99
CA PRO A 56 4.02 -31.77 15.57
C PRO A 56 5.39 -32.43 15.74
N VAL A 57 5.48 -33.72 15.40
CA VAL A 57 6.78 -34.39 15.40
C VAL A 57 7.65 -33.76 14.32
N LEU A 58 8.85 -33.34 14.73
CA LEU A 58 9.74 -32.61 13.83
C LEU A 58 10.87 -33.46 13.29
N GLY A 59 11.17 -34.58 13.94
CA GLY A 59 12.27 -35.44 13.54
C GLY A 59 12.39 -36.60 14.51
N THR A 60 13.34 -37.48 14.25
CA THR A 60 13.58 -38.67 15.05
C THR A 60 15.02 -38.68 15.53
N ASN A 61 15.20 -38.90 16.84
CA ASN A 61 16.50 -38.90 17.52
C ASN A 61 17.22 -37.58 17.31
N SER A 62 18.23 -37.54 16.43
CA SER A 62 18.96 -36.31 16.13
C SER A 62 18.51 -35.74 14.79
N PHE A 63 18.23 -34.44 14.74
CA PHE A 63 17.67 -33.89 13.52
C PHE A 63 17.85 -32.38 13.48
N ALA A 64 17.93 -31.86 12.25
CA ALA A 64 17.77 -30.44 11.99
C ALA A 64 16.32 -30.19 11.62
N VAL A 65 15.75 -29.11 12.15
CA VAL A 65 14.35 -28.80 11.91
C VAL A 65 14.21 -28.20 10.52
N ARG A 66 13.28 -28.74 9.72
CA ARG A 66 13.06 -28.25 8.36
C ARG A 66 12.41 -26.87 8.38
N ASP A 67 12.73 -26.07 7.36
CA ASP A 67 12.18 -24.72 7.28
C ASP A 67 10.65 -24.70 7.24
N ASP A 68 10.04 -25.75 6.70
CA ASP A 68 8.59 -25.80 6.59
C ASP A 68 7.92 -26.02 7.95
N SER A 69 8.55 -26.79 8.83
CA SER A 69 7.89 -27.26 10.04
C SER A 69 7.51 -26.10 10.94
N SER A 70 6.46 -26.31 11.73
CA SER A 70 6.18 -25.41 12.84
C SER A 70 7.40 -25.37 13.76
N GLY A 71 8.01 -24.21 13.89
CA GLY A 71 9.26 -24.05 14.59
C GLY A 71 10.46 -23.79 13.70
N GLY A 72 10.38 -24.16 12.43
CA GLY A 72 11.46 -23.90 11.51
C GLY A 72 11.58 -22.42 11.16
N GLY A 73 12.66 -22.11 10.44
CA GLY A 73 13.01 -20.71 10.19
C GLY A 73 11.95 -19.92 9.46
N ARG A 74 11.19 -20.59 8.58
CA ARG A 74 10.13 -19.91 7.85
C ARG A 74 8.75 -20.13 8.45
N ASN A 75 8.66 -20.84 9.58
CA ASN A 75 7.36 -21.01 10.26
C ASN A 75 7.56 -21.06 11.78
N PRO A 76 8.04 -19.99 12.40
CA PRO A 76 8.39 -20.05 13.82
C PRO A 76 7.17 -20.23 14.71
N LEU A 77 7.39 -20.77 15.90
CA LEU A 77 6.34 -20.80 16.91
C LEU A 77 6.05 -19.39 17.38
N GLN A 78 4.77 -19.14 17.69
CA GLN A 78 4.31 -17.79 18.01
C GLN A 78 3.44 -17.80 19.25
N LEU A 79 3.77 -16.94 20.21
CA LEU A 79 2.95 -16.72 21.39
C LEU A 79 2.53 -15.27 21.43
N PRO A 80 1.34 -14.92 20.94
CA PRO A 80 0.87 -13.53 21.05
C PRO A 80 0.39 -13.22 22.46
N PHE A 81 0.45 -11.93 22.80
CA PHE A 81 0.03 -11.48 24.12
C PHE A 81 -0.46 -10.04 24.02
N ASN A 82 -1.46 -9.71 24.84
CA ASN A 82 -2.13 -8.41 24.74
C ASN A 82 -1.58 -7.36 25.69
N PHE A 83 -0.84 -7.76 26.73
CA PHE A 83 -0.41 -6.85 27.77
C PHE A 83 0.99 -6.31 27.48
N THR A 84 1.57 -5.61 28.44
CA THR A 84 2.87 -4.99 28.26
C THR A 84 3.96 -6.05 28.33
N TRP A 85 4.92 -6.00 27.39
CA TRP A 85 6.05 -6.92 27.42
C TRP A 85 6.94 -6.58 28.61
N PRO A 86 7.12 -7.46 29.58
CA PRO A 86 7.87 -7.12 30.79
C PRO A 86 9.38 -7.16 30.63
N GLY A 87 9.91 -7.49 29.45
CA GLY A 87 11.35 -7.54 29.27
C GLY A 87 12.01 -8.84 29.69
N THR A 88 11.85 -9.22 30.95
CA THR A 88 12.34 -10.49 31.46
C THR A 88 11.28 -11.58 31.32
N PHE A 89 11.73 -12.83 31.25
CA PHE A 89 10.79 -13.93 31.06
C PHE A 89 11.44 -15.25 31.46
N SER A 90 10.58 -16.23 31.72
CA SER A 90 10.98 -17.63 31.89
C SER A 90 10.36 -18.44 30.76
N LEU A 91 11.17 -19.29 30.13
CA LEU A 91 10.76 -20.08 28.98
C LEU A 91 11.09 -21.54 29.22
N ILE A 92 10.10 -22.42 29.09
CA ILE A 92 10.29 -23.85 29.29
C ILE A 92 10.00 -24.56 27.98
N ILE A 93 10.94 -25.36 27.51
CA ILE A 93 10.79 -26.13 26.28
C ILE A 93 10.93 -27.59 26.65
N GLU A 94 9.89 -28.38 26.37
CA GLU A 94 9.92 -29.81 26.66
C GLU A 94 9.98 -30.59 25.34
N ALA A 95 10.97 -31.47 25.22
CA ALA A 95 11.03 -32.42 24.13
C ALA A 95 10.35 -33.71 24.56
N TRP A 96 9.39 -34.17 23.76
CA TRP A 96 8.59 -35.34 24.05
C TRP A 96 8.70 -36.37 22.94
N HIS A 97 8.58 -37.64 23.31
CA HIS A 97 8.44 -38.73 22.37
C HIS A 97 6.97 -39.05 22.14
N ALA A 98 6.58 -39.21 20.88
CA ALA A 98 5.22 -39.59 20.54
C ALA A 98 5.18 -41.08 20.25
N PRO A 99 4.63 -41.92 21.14
CA PRO A 99 4.57 -43.37 20.86
C PRO A 99 3.60 -43.71 19.75
N GLY A 100 2.68 -42.81 19.42
CA GLY A 100 1.73 -43.02 18.34
C GLY A 100 1.39 -41.69 17.70
N ASP A 101 0.18 -41.58 17.16
CA ASP A 101 -0.22 -40.39 16.42
C ASP A 101 -1.00 -39.39 17.28
N ASP A 102 -1.36 -39.75 18.51
CA ASP A 102 -2.06 -38.87 19.43
C ASP A 102 -1.01 -38.08 20.22
N LEU A 103 -0.98 -36.76 20.02
CA LEU A 103 -0.04 -35.89 20.72
C LEU A 103 -0.63 -35.21 21.95
N ARG A 104 -1.91 -35.44 22.25
CA ARG A 104 -2.54 -34.77 23.38
C ARG A 104 -1.90 -35.22 24.69
N PRO A 105 -1.73 -34.31 25.65
CA PRO A 105 -1.11 -34.71 26.93
C PRO A 105 -1.82 -35.86 27.62
N GLU A 106 -3.14 -36.02 27.39
CA GLU A 106 -3.89 -37.10 28.02
C GLU A 106 -3.52 -38.45 27.44
N ALA A 107 -3.04 -38.48 26.19
CA ALA A 107 -2.67 -39.75 25.58
C ALA A 107 -1.27 -40.21 25.95
N LEU A 108 -0.44 -39.31 26.46
CA LEU A 108 0.98 -39.63 26.63
C LEU A 108 1.28 -40.06 28.05
N PRO A 109 2.02 -41.14 28.23
CA PRO A 109 2.50 -41.50 29.57
C PRO A 109 3.59 -40.54 30.02
N PRO A 110 3.83 -40.43 31.33
CA PRO A 110 4.79 -39.42 31.80
C PRO A 110 6.23 -39.72 31.46
N ASP A 111 6.59 -40.97 31.18
CA ASP A 111 7.97 -41.29 30.85
C ASP A 111 8.29 -41.10 29.37
N ALA A 112 7.35 -40.56 28.59
CA ALA A 112 7.62 -40.17 27.21
C ALA A 112 8.41 -38.88 27.10
N LEU A 113 8.69 -38.21 28.21
CA LEU A 113 9.47 -36.99 28.21
C LEU A 113 10.91 -37.30 27.83
N ILE A 114 11.46 -36.52 26.89
CA ILE A 114 12.86 -36.67 26.50
C ILE A 114 13.76 -35.74 27.33
N SER A 115 13.42 -34.46 27.40
CA SER A 115 14.15 -33.54 28.27
C SER A 115 13.33 -32.28 28.50
N LYS A 116 13.65 -31.60 29.59
CA LYS A 116 13.00 -30.36 29.96
C LYS A 116 14.08 -29.30 30.06
N ILE A 117 13.90 -28.21 29.33
CA ILE A 117 14.90 -27.15 29.25
C ILE A 117 14.25 -25.87 29.76
N ALA A 118 14.87 -25.26 30.78
CA ALA A 118 14.41 -24.01 31.33
C ALA A 118 15.36 -22.89 30.93
N ILE A 119 14.80 -21.77 30.52
CA ILE A 119 15.52 -20.62 30.00
C ILE A 119 15.02 -19.38 30.72
N GLN A 120 15.95 -18.59 31.27
CA GLN A 120 15.66 -17.29 31.86
C GLN A 120 16.23 -16.22 30.94
N GLY A 121 15.40 -15.23 30.56
CA GLY A 121 15.81 -14.31 29.52
C GLY A 121 15.41 -12.87 29.80
N SER A 122 16.04 -11.97 29.03
CA SER A 122 15.76 -10.54 29.08
C SER A 122 15.95 -9.99 27.69
N LEU A 123 14.90 -9.39 27.13
CA LEU A 123 14.89 -9.11 25.71
C LEU A 123 14.05 -7.88 25.43
N ALA A 124 14.48 -7.08 24.45
CA ALA A 124 13.70 -5.95 23.99
C ALA A 124 13.05 -6.24 22.64
N VAL A 125 11.91 -5.58 22.39
CA VAL A 125 11.23 -5.71 21.11
C VAL A 125 12.18 -5.30 19.99
N GLY A 126 12.11 -6.01 18.88
CA GLY A 126 13.04 -5.81 17.78
C GLY A 126 13.07 -7.02 16.88
N GLN A 127 13.66 -6.83 15.70
CA GLN A 127 13.64 -7.81 14.63
C GLN A 127 14.75 -8.86 14.71
N ASN A 128 15.78 -8.64 15.53
CA ASN A 128 16.94 -9.52 15.53
C ASN A 128 16.67 -10.77 16.36
N TRP A 129 16.96 -11.93 15.77
CA TRP A 129 16.85 -13.21 16.47
C TRP A 129 18.04 -13.40 17.41
N LEU A 130 17.76 -13.71 18.67
CA LEU A 130 18.82 -14.06 19.60
C LEU A 130 19.02 -15.58 19.56
N LEU A 131 20.23 -16.00 19.22
CA LEU A 131 20.57 -17.42 19.08
C LEU A 131 21.10 -17.97 20.39
N ASP A 132 20.70 -19.20 20.72
CA ASP A 132 21.19 -19.80 21.95
C ASP A 132 21.15 -21.32 21.84
N GLU A 133 21.68 -21.97 22.88
CA GLU A 133 21.85 -23.41 22.89
C GLU A 133 21.83 -23.90 24.33
N GLN A 134 21.24 -25.07 24.55
CA GLN A 134 21.14 -25.65 25.87
C GLN A 134 21.45 -27.13 25.76
N THR A 135 22.34 -27.60 26.62
CA THR A 135 22.77 -28.99 26.63
C THR A 135 22.28 -29.60 27.93
N SER A 136 21.31 -30.52 27.82
CA SER A 136 20.89 -31.31 28.97
C SER A 136 21.87 -32.47 29.14
N THR A 137 21.40 -33.59 29.71
CA THR A 137 22.33 -34.66 30.04
C THR A 137 22.90 -35.29 28.76
N LEU A 138 22.05 -35.93 27.97
CA LEU A 138 22.50 -36.52 26.72
C LEU A 138 21.81 -35.92 25.51
N THR A 139 21.22 -34.73 25.67
CA THR A 139 20.56 -34.03 24.57
C THR A 139 21.00 -32.58 24.54
N ARG A 140 20.80 -31.96 23.38
CA ARG A 140 21.18 -30.57 23.17
C ARG A 140 20.21 -29.91 22.20
N LEU A 141 19.78 -28.70 22.52
CA LEU A 141 18.83 -27.97 21.68
C LEU A 141 19.43 -26.64 21.26
N ARG A 142 19.46 -26.37 19.95
CA ARG A 142 19.76 -25.05 19.43
C ARG A 142 18.46 -24.37 19.02
N TYR A 143 18.26 -23.14 19.50
CA TYR A 143 17.03 -22.41 19.25
C TYR A 143 17.36 -20.92 19.18
N SER A 144 16.37 -20.13 18.75
CA SER A 144 16.49 -18.68 18.76
C SER A 144 15.11 -18.05 18.92
N TYR A 145 15.07 -16.84 19.48
CA TYR A 145 13.80 -16.21 19.80
C TYR A 145 13.92 -14.70 19.65
N ARG A 146 12.76 -14.04 19.62
CA ARG A 146 12.66 -12.58 19.56
C ARG A 146 11.21 -12.20 19.85
N VAL A 147 11.00 -10.92 20.15
CA VAL A 147 9.67 -10.35 20.34
C VAL A 147 9.47 -9.28 19.27
N ILE A 148 8.32 -9.33 18.59
CA ILE A 148 7.95 -8.36 17.56
C ILE A 148 6.47 -8.04 17.70
N CYS A 149 6.03 -7.05 16.93
CA CYS A 149 4.62 -6.66 16.89
C CYS A 149 3.86 -7.56 15.92
N SER A 150 2.61 -7.87 16.27
CA SER A 150 1.73 -8.53 15.31
C SER A 150 1.57 -7.63 14.08
N ASP A 151 1.09 -8.22 12.99
CA ASP A 151 1.15 -7.54 11.71
C ASP A 151 0.44 -6.19 11.75
N ASN A 152 1.06 -5.20 11.11
CA ASN A 152 0.56 -3.84 10.98
C ASN A 152 0.59 -3.05 12.27
N TYR A 153 1.40 -3.44 13.25
CA TYR A 153 1.53 -2.71 14.50
C TYR A 153 2.97 -2.27 14.72
N TYR A 154 3.12 -1.12 15.37
CA TYR A 154 4.40 -0.41 15.44
C TYR A 154 4.51 0.27 16.79
N GLY A 155 5.75 0.62 17.14
CA GLY A 155 6.01 1.18 18.46
C GLY A 155 6.42 0.12 19.46
N ASP A 156 7.21 0.54 20.45
CA ASP A 156 7.79 -0.42 21.39
C ASP A 156 6.72 -1.19 22.17
N ASN A 157 5.56 -0.60 22.40
CA ASN A 157 4.43 -1.33 22.95
C ASN A 157 3.48 -1.84 21.87
N CYS A 158 3.86 -1.70 20.60
CA CYS A 158 3.08 -2.23 19.48
C CYS A 158 1.65 -1.69 19.49
N SER A 159 1.50 -0.41 19.85
CA SER A 159 0.17 0.18 19.98
C SER A 159 -0.30 0.93 18.74
N ARG A 160 0.58 1.16 17.76
CA ARG A 160 0.26 2.03 16.61
C ARG A 160 -0.12 1.20 15.39
N LEU A 161 -1.38 1.30 14.98
CA LEU A 161 -1.89 0.57 13.82
C LEU A 161 -1.65 1.39 12.56
N CYS A 162 -0.96 0.78 11.59
CA CYS A 162 -0.82 1.34 10.24
C CYS A 162 -0.91 0.22 9.22
N LYS A 163 -1.75 0.41 8.21
CA LYS A 163 -1.85 -0.52 7.10
C LYS A 163 -2.05 0.27 5.82
N LYS A 164 -1.20 0.01 4.83
CA LYS A 164 -1.20 0.80 3.61
C LYS A 164 -2.51 0.64 2.85
N ARG A 165 -2.87 1.68 2.08
CA ARG A 165 -4.07 1.60 1.26
C ARG A 165 -3.97 2.62 0.14
N ASN A 166 -4.71 2.35 -0.93
CA ASN A 166 -4.67 3.17 -2.14
C ASN A 166 -6.05 3.09 -2.78
N ASP A 167 -7.05 3.66 -2.11
CA ASP A 167 -8.42 3.67 -2.62
C ASP A 167 -9.06 4.99 -2.21
N HIS A 168 -10.39 5.06 -2.31
N HIS A 168 -10.39 5.08 -2.32
CA HIS A 168 -11.13 6.29 -2.05
CA HIS A 168 -11.07 6.34 -2.06
C HIS A 168 -10.88 6.84 -0.66
C HIS A 168 -10.81 6.87 -0.66
N PHE A 169 -10.42 6.01 0.28
CA PHE A 169 -10.30 6.41 1.67
C PHE A 169 -8.87 6.73 2.11
N GLY A 170 -7.88 6.62 1.22
CA GLY A 170 -6.52 7.00 1.57
C GLY A 170 -5.50 6.49 0.58
N HIS A 171 -4.34 7.15 0.49
CA HIS A 171 -3.31 6.82 -0.51
C HIS A 171 -1.94 6.95 0.16
N TYR A 172 -1.48 5.89 0.82
CA TYR A 172 -0.27 6.00 1.62
C TYR A 172 0.34 4.63 1.87
N VAL A 173 1.64 4.64 2.21
CA VAL A 173 2.33 3.48 2.75
C VAL A 173 2.71 3.78 4.19
N CYS A 174 3.29 2.80 4.87
CA CYS A 174 3.63 2.91 6.29
C CYS A 174 5.13 3.01 6.44
N GLN A 175 5.59 4.00 7.22
CA GLN A 175 6.98 4.12 7.58
C GLN A 175 7.32 3.12 8.67
N PRO A 176 8.61 2.85 8.89
CA PRO A 176 9.00 1.91 9.97
C PRO A 176 8.36 2.19 11.32
N ASP A 177 8.16 3.46 11.68
CA ASP A 177 7.59 3.74 13.00
C ASP A 177 6.06 3.69 13.02
N GLY A 178 5.41 3.39 11.90
CA GLY A 178 3.97 3.30 11.86
C GLY A 178 3.23 4.58 11.51
N ASN A 179 3.93 5.60 11.02
CA ASN A 179 3.28 6.83 10.61
C ASN A 179 3.10 6.85 9.10
N LEU A 180 2.02 7.50 8.65
CA LEU A 180 1.70 7.55 7.22
C LEU A 180 2.81 8.23 6.43
N SER A 181 2.92 7.83 5.17
CA SER A 181 3.68 8.57 4.17
C SER A 181 2.85 8.55 2.88
N CYS A 182 2.50 9.73 2.38
CA CYS A 182 1.53 9.79 1.29
C CYS A 182 2.14 9.33 -0.02
N LEU A 183 1.35 8.59 -0.79
CA LEU A 183 1.73 8.32 -2.17
C LEU A 183 1.79 9.63 -2.95
N PRO A 184 2.60 9.69 -4.01
CA PRO A 184 2.76 10.95 -4.74
C PRO A 184 1.42 11.45 -5.28
N GLY A 185 1.23 12.77 -5.23
CA GLY A 185 0.00 13.39 -5.66
C GLY A 185 -1.02 13.64 -4.57
N TRP A 186 -0.81 13.10 -3.37
CA TRP A 186 -1.79 13.20 -2.30
C TRP A 186 -1.22 13.95 -1.11
N THR A 187 -2.10 14.60 -0.37
CA THR A 187 -1.76 15.30 0.87
C THR A 187 -2.97 15.22 1.81
N GLY A 188 -2.98 16.06 2.83
CA GLY A 188 -4.00 15.97 3.85
C GLY A 188 -3.59 15.04 4.98
N GLU A 189 -4.32 15.14 6.09
CA GLU A 189 -3.97 14.40 7.30
C GLU A 189 -3.91 12.90 7.05
N TYR A 190 -4.89 12.38 6.30
CA TYR A 190 -4.96 10.95 5.99
C TYR A 190 -4.71 10.68 4.50
N CYS A 191 -4.01 11.59 3.83
CA CYS A 191 -3.60 11.41 2.43
C CYS A 191 -4.81 11.18 1.52
N GLN A 192 -5.87 11.94 1.76
CA GLN A 192 -7.09 11.88 0.97
C GLN A 192 -7.27 13.12 0.08
N GLN A 193 -6.39 14.09 0.16
CA GLN A 193 -6.59 15.36 -0.52
C GLN A 193 -5.71 15.41 -1.76
N PRO A 194 -6.27 15.58 -2.95
CA PRO A 194 -5.44 15.54 -4.17
C PRO A 194 -4.68 16.82 -4.39
N ILE A 195 -3.52 16.69 -5.01
CA ILE A 195 -2.71 17.84 -5.42
C ILE A 195 -2.93 18.04 -6.90
N CYS A 196 -3.49 19.20 -7.27
CA CYS A 196 -3.92 19.39 -8.64
C CYS A 196 -2.71 19.58 -9.56
N LEU A 197 -2.98 19.51 -10.86
CA LEU A 197 -2.01 19.90 -11.87
C LEU A 197 -1.38 21.24 -11.52
N SER A 198 -0.06 21.31 -11.62
CA SER A 198 0.65 22.54 -11.30
C SER A 198 0.16 23.68 -12.18
N GLY A 199 -0.20 24.79 -11.55
CA GLY A 199 -0.75 25.93 -12.27
C GLY A 199 -2.26 25.99 -12.29
N CYS A 200 -2.95 24.92 -11.91
CA CYS A 200 -4.41 24.92 -11.87
C CYS A 200 -4.92 26.16 -11.14
N HIS A 201 -5.86 26.85 -11.78
CA HIS A 201 -6.33 28.14 -11.31
C HIS A 201 -7.07 28.02 -9.99
N GLU A 202 -6.63 28.78 -8.97
CA GLU A 202 -7.11 28.59 -7.61
C GLU A 202 -8.60 28.89 -7.44
N GLN A 203 -9.18 29.72 -8.29
CA GLN A 203 -10.62 29.96 -8.24
C GLN A 203 -11.37 29.22 -9.33
N ASN A 204 -10.81 29.15 -10.54
CA ASN A 204 -11.54 28.64 -11.70
C ASN A 204 -11.39 27.15 -11.90
N GLY A 205 -10.39 26.52 -11.29
CA GLY A 205 -10.17 25.09 -11.45
C GLY A 205 -10.08 24.37 -10.13
N TYR A 206 -10.33 23.06 -10.17
CA TYR A 206 -10.18 22.19 -9.02
C TYR A 206 -9.79 20.80 -9.50
N CYS A 207 -9.54 19.89 -8.55
CA CYS A 207 -9.29 18.51 -8.89
C CYS A 207 -9.93 17.60 -7.85
N SER A 208 -10.25 16.38 -8.32
CA SER A 208 -10.64 15.28 -7.44
C SER A 208 -9.63 14.15 -7.45
N LYS A 209 -8.74 14.12 -8.44
CA LYS A 209 -7.64 13.18 -8.58
C LYS A 209 -6.38 14.01 -8.72
N PRO A 210 -5.22 13.44 -8.40
CA PRO A 210 -3.98 14.20 -8.56
C PRO A 210 -3.74 14.57 -10.01
N ALA A 211 -3.01 15.67 -10.22
CA ALA A 211 -2.45 16.00 -11.53
C ALA A 211 -3.52 16.14 -12.61
N GLU A 212 -4.70 16.64 -12.25
CA GLU A 212 -5.73 17.06 -13.20
C GLU A 212 -6.17 18.46 -12.82
N CYS A 213 -6.90 19.10 -13.72
CA CYS A 213 -7.47 20.42 -13.45
C CYS A 213 -8.85 20.47 -14.13
N LEU A 214 -9.90 20.33 -13.32
CA LEU A 214 -11.28 20.43 -13.78
C LEU A 214 -11.75 21.88 -13.65
N CYS A 215 -12.44 22.37 -14.68
CA CYS A 215 -12.79 23.78 -14.75
C CYS A 215 -14.19 24.02 -14.20
N ARG A 216 -14.35 25.15 -13.51
CA ARG A 216 -15.67 25.60 -13.12
C ARG A 216 -16.38 26.21 -14.33
N PRO A 217 -17.72 26.30 -14.29
CA PRO A 217 -18.45 26.80 -15.45
C PRO A 217 -17.92 28.14 -15.95
N GLY A 218 -17.68 28.21 -17.26
CA GLY A 218 -17.21 29.43 -17.89
C GLY A 218 -15.72 29.50 -18.14
N TRP A 219 -14.97 28.44 -17.84
CA TRP A 219 -13.52 28.45 -17.96
C TRP A 219 -13.05 27.21 -18.70
N GLN A 220 -11.92 27.32 -19.38
CA GLN A 220 -11.37 26.23 -20.19
C GLN A 220 -9.86 26.35 -20.21
N GLY A 221 -9.23 25.41 -20.93
CA GLY A 221 -7.79 25.29 -20.91
C GLY A 221 -7.31 24.26 -19.90
N ARG A 222 -6.08 23.79 -20.08
CA ARG A 222 -5.52 22.79 -19.17
C ARG A 222 -5.44 23.31 -17.75
N LEU A 223 -5.27 24.62 -17.59
CA LEU A 223 -5.18 25.23 -16.27
C LEU A 223 -6.46 25.98 -15.90
N CYS A 224 -7.51 25.88 -16.73
CA CYS A 224 -8.78 26.51 -16.45
C CYS A 224 -8.63 28.02 -16.25
N ASN A 225 -7.71 28.61 -17.01
CA ASN A 225 -7.42 30.04 -16.91
C ASN A 225 -7.92 30.84 -18.11
N GLU A 226 -8.65 30.21 -19.03
CA GLU A 226 -9.14 30.89 -20.22
C GLU A 226 -10.67 30.92 -20.21
N CYS A 227 -11.24 32.09 -20.46
CA CYS A 227 -12.68 32.25 -20.50
C CYS A 227 -13.30 31.53 -21.69
N ILE A 228 -14.56 31.17 -21.55
CA ILE A 228 -15.37 30.62 -22.63
C ILE A 228 -16.26 31.73 -23.16
N PRO A 229 -16.26 32.00 -24.47
CA PRO A 229 -17.17 33.00 -25.03
C PRO A 229 -18.62 32.54 -25.00
N HIS A 230 -19.53 33.50 -25.24
CA HIS A 230 -20.96 33.21 -25.25
C HIS A 230 -21.29 32.07 -26.22
N ASN A 231 -22.35 31.32 -25.92
CA ASN A 231 -22.70 30.15 -26.71
C ASN A 231 -22.99 30.48 -28.16
N GLY A 232 -23.56 31.66 -28.43
CA GLY A 232 -23.82 32.01 -29.80
C GLY A 232 -22.69 32.68 -30.52
N CYS A 233 -21.57 32.94 -29.83
CA CYS A 233 -20.51 33.76 -30.39
C CYS A 233 -19.85 33.08 -31.57
N ARG A 234 -19.62 33.85 -32.64
CA ARG A 234 -18.97 33.34 -33.83
C ARG A 234 -17.56 33.90 -33.88
N HIS A 235 -17.29 34.94 -34.66
CA HIS A 235 -15.95 35.51 -34.80
C HIS A 235 -15.65 36.48 -33.67
N GLY A 236 -15.63 35.96 -32.43
CA GLY A 236 -15.39 36.78 -31.26
C GLY A 236 -14.64 36.02 -30.17
N THR A 237 -14.05 36.79 -29.27
CA THR A 237 -13.30 36.31 -28.11
C THR A 237 -13.89 36.89 -26.83
N CYS A 238 -13.26 36.55 -25.70
CA CYS A 238 -13.72 37.01 -24.40
C CYS A 238 -12.50 37.35 -23.53
N SER A 239 -12.76 38.09 -22.46
CA SER A 239 -11.83 38.24 -21.34
C SER A 239 -12.36 37.58 -20.09
N THR A 240 -13.65 37.76 -19.80
CA THR A 240 -14.36 37.09 -18.73
C THR A 240 -15.46 36.23 -19.35
N PRO A 241 -15.99 35.25 -18.62
CA PRO A 241 -16.88 34.26 -19.25
C PRO A 241 -18.07 34.88 -19.97
N TRP A 242 -18.44 34.25 -21.09
CA TRP A 242 -19.66 34.47 -21.86
C TRP A 242 -19.69 35.81 -22.59
N GLN A 243 -18.59 36.54 -22.64
CA GLN A 243 -18.49 37.71 -23.49
C GLN A 243 -18.41 37.30 -24.96
N CYS A 244 -18.52 38.30 -25.85
CA CYS A 244 -18.37 38.08 -27.29
C CYS A 244 -17.84 39.39 -27.88
N THR A 245 -16.51 39.53 -27.89
CA THR A 245 -15.83 40.70 -28.38
C THR A 245 -15.35 40.43 -29.80
N CYS A 246 -15.94 41.12 -30.78
CA CYS A 246 -15.79 40.74 -32.18
C CYS A 246 -14.36 40.85 -32.66
N ASP A 247 -13.95 39.88 -33.47
CA ASP A 247 -12.73 40.01 -34.26
C ASP A 247 -12.80 41.24 -35.16
N GLU A 248 -11.63 41.66 -35.62
CA GLU A 248 -11.56 42.77 -36.58
C GLU A 248 -12.32 42.40 -37.86
N GLY A 249 -13.35 43.18 -38.15
CA GLY A 249 -14.14 42.96 -39.35
C GLY A 249 -15.47 42.26 -39.15
N TRP A 250 -15.97 42.17 -37.93
CA TRP A 250 -17.21 41.48 -37.63
C TRP A 250 -17.97 42.28 -36.58
N GLY A 251 -19.31 42.15 -36.61
CA GLY A 251 -20.13 42.90 -35.68
C GLY A 251 -21.34 42.08 -35.28
N GLY A 252 -22.20 42.72 -34.50
CA GLY A 252 -23.35 42.06 -33.92
C GLY A 252 -23.04 41.49 -32.55
N LEU A 253 -24.10 41.15 -31.82
CA LEU A 253 -23.91 40.58 -30.49
C LEU A 253 -23.18 39.25 -30.56
N PHE A 254 -23.35 38.50 -31.64
CA PHE A 254 -22.71 37.20 -31.82
C PHE A 254 -21.56 37.26 -32.80
N CYS A 255 -21.10 38.46 -33.16
CA CYS A 255 -19.93 38.63 -34.01
C CYS A 255 -20.04 37.78 -35.28
N ASP A 256 -21.23 37.80 -35.88
CA ASP A 256 -21.50 37.03 -37.09
C ASP A 256 -21.92 37.92 -38.27
N GLN A 257 -21.90 39.23 -38.12
CA GLN A 257 -22.28 40.14 -39.19
C GLN A 257 -21.01 40.52 -39.96
N ASP A 258 -20.91 40.10 -41.20
CA ASP A 258 -19.71 40.31 -41.99
C ASP A 258 -19.56 41.78 -42.35
N LEU A 259 -18.57 42.45 -41.75
CA LEU A 259 -18.28 43.85 -42.03
C LEU A 259 -17.29 44.04 -43.16
N ASN A 260 -16.91 42.95 -43.84
CA ASN A 260 -16.08 43.07 -45.03
C ASN A 260 -16.20 41.80 -45.85
N TYR A 261 -17.39 41.58 -46.41
CA TYR A 261 -17.65 40.38 -47.20
C TYR A 261 -16.59 40.17 -48.27
N CYS A 262 -16.11 41.27 -48.86
CA CYS A 262 -15.15 41.18 -49.96
C CYS A 262 -13.87 40.46 -49.53
N THR A 263 -13.24 40.92 -48.45
CA THR A 263 -11.99 40.30 -48.02
C THR A 263 -12.21 38.87 -47.51
N HIS A 264 -13.30 38.64 -46.79
CA HIS A 264 -13.49 37.34 -46.15
C HIS A 264 -13.92 36.24 -47.13
N HIS A 265 -14.43 36.59 -48.31
CA HIS A 265 -14.92 35.58 -49.25
C HIS A 265 -14.31 35.64 -50.64
N SER A 266 -13.62 36.73 -51.02
CA SER A 266 -13.03 36.95 -52.34
C SER A 266 -13.91 36.42 -53.47
N PRO A 267 -15.08 37.01 -53.69
CA PRO A 267 -15.98 36.44 -54.71
C PRO A 267 -15.57 36.74 -56.14
N CYS A 268 -15.04 37.94 -56.40
CA CYS A 268 -14.84 38.40 -57.76
C CYS A 268 -13.70 37.65 -58.43
N LYS A 269 -13.82 37.49 -59.75
CA LYS A 269 -12.87 36.74 -60.55
C LYS A 269 -12.30 37.63 -61.65
N ASN A 270 -11.25 37.11 -62.31
CA ASN A 270 -10.64 37.78 -63.45
C ASN A 270 -10.15 39.19 -63.10
N GLY A 271 -9.60 39.35 -61.90
CA GLY A 271 -9.00 40.60 -61.50
C GLY A 271 -9.97 41.74 -61.27
N ALA A 272 -11.26 41.45 -61.11
CA ALA A 272 -12.22 42.50 -60.84
C ALA A 272 -12.01 43.08 -59.45
N THR A 273 -12.70 44.18 -59.17
CA THR A 273 -12.58 44.86 -57.88
C THR A 273 -13.88 44.70 -57.10
N CYS A 274 -13.75 44.25 -55.86
CA CYS A 274 -14.87 43.91 -55.00
C CYS A 274 -15.24 45.08 -54.10
N SER A 275 -16.54 45.31 -53.95
CA SER A 275 -17.04 46.30 -52.99
C SER A 275 -18.22 45.70 -52.26
N ASN A 276 -18.38 46.09 -50.99
CA ASN A 276 -19.41 45.52 -50.13
C ASN A 276 -20.76 46.17 -50.41
N SER A 277 -21.82 45.41 -50.09
CA SER A 277 -23.19 45.88 -50.26
C SER A 277 -24.07 45.28 -49.17
N GLY A 278 -24.92 46.13 -48.57
CA GLY A 278 -25.86 45.64 -47.57
C GLY A 278 -27.14 45.07 -48.14
N GLN A 279 -27.43 45.33 -49.41
CA GLN A 279 -28.62 44.79 -50.07
C GLN A 279 -28.33 43.52 -50.88
N ARG A 280 -27.11 43.36 -51.40
CA ARG A 280 -26.79 42.27 -52.32
C ARG A 280 -25.53 41.50 -51.92
N SER A 281 -24.95 41.77 -50.74
CA SER A 281 -23.71 41.20 -50.20
C SER A 281 -22.46 41.92 -50.71
N TYR A 282 -22.24 41.90 -52.03
CA TYR A 282 -21.06 42.51 -52.65
C TYR A 282 -21.41 42.92 -54.08
N THR A 283 -20.45 43.59 -54.72
CA THR A 283 -20.54 43.97 -56.12
C THR A 283 -19.17 43.87 -56.77
N CYS A 284 -19.11 43.23 -57.94
CA CYS A 284 -17.86 43.06 -58.68
C CYS A 284 -17.79 44.06 -59.83
N THR A 285 -16.71 44.84 -59.90
CA THR A 285 -16.44 45.78 -60.98
C THR A 285 -15.47 45.12 -61.96
N CYS A 286 -15.95 44.77 -63.14
CA CYS A 286 -15.17 43.95 -64.04
C CYS A 286 -14.05 44.73 -64.71
N ARG A 287 -13.00 44.02 -65.07
CA ARG A 287 -12.00 44.50 -66.01
C ARG A 287 -12.59 44.52 -67.41
N PRO A 288 -11.94 45.21 -68.36
CA PRO A 288 -12.44 45.20 -69.74
C PRO A 288 -12.56 43.78 -70.29
N GLY A 289 -13.72 43.49 -70.86
CA GLY A 289 -13.97 42.21 -71.49
C GLY A 289 -14.66 41.16 -70.64
N TYR A 290 -15.12 41.52 -69.44
CA TYR A 290 -15.70 40.57 -68.52
C TYR A 290 -17.02 41.09 -68.01
N THR A 291 -17.94 40.15 -67.75
CA THR A 291 -19.25 40.47 -67.24
C THR A 291 -19.69 39.34 -66.32
N GLY A 292 -20.86 39.50 -65.72
CA GLY A 292 -21.40 38.55 -64.78
C GLY A 292 -21.44 39.12 -63.37
N VAL A 293 -22.03 38.34 -62.48
CA VAL A 293 -22.11 38.72 -61.08
C VAL A 293 -20.71 38.82 -60.47
N ASP A 294 -19.88 37.83 -60.73
CA ASP A 294 -18.51 37.77 -60.22
C ASP A 294 -17.48 38.06 -61.31
N CYS A 295 -17.89 38.70 -62.39
CA CYS A 295 -17.02 38.96 -63.55
C CYS A 295 -16.37 37.67 -64.03
N GLU A 296 -17.15 36.58 -64.02
CA GLU A 296 -16.66 35.29 -64.46
C GLU A 296 -16.95 35.00 -65.92
N LEU A 297 -17.75 35.83 -66.58
CA LEU A 297 -18.14 35.62 -67.97
C LEU A 297 -17.36 36.57 -68.88
N GLU A 298 -16.83 36.04 -69.97
CA GLU A 298 -16.07 36.83 -70.93
C GLU A 298 -17.00 37.47 -71.95
N LEU A 299 -16.88 38.77 -72.14
CA LEU A 299 -17.66 39.49 -73.14
C LEU A 299 -17.12 39.19 -74.53
C1 FUC B . -10.67 47.67 -59.09
C2 FUC B . -9.15 47.63 -59.24
C3 FUC B . -8.73 46.51 -60.21
C4 FUC B . -9.47 46.65 -61.56
C5 FUC B . -11.00 46.82 -61.34
C6 FUC B . -11.76 47.21 -62.60
O2 FUC B . -8.49 47.51 -57.99
O3 FUC B . -7.32 46.56 -60.47
O4 FUC B . -8.93 47.74 -62.31
O5 FUC B . -11.32 47.82 -60.34
#